data_9CQI
#
_entry.id   9CQI
#
_cell.length_a   94.329
_cell.length_b   82.521
_cell.length_c   98.324
_cell.angle_alpha   90
_cell.angle_beta   116.14
_cell.angle_gamma   90
#
_symmetry.space_group_name_H-M   'C 1 2 1'
#
loop_
_entity.id
_entity.type
_entity.pdbx_description
1 polymer 'Serpin H1'
2 polymer 'anti-HSP47 Adnectin-44'
3 water water
#
loop_
_entity_poly.entity_id
_entity_poly.type
_entity_poly.pdbx_seq_one_letter_code
_entity_poly.pdbx_strand_id
1 'polypeptide(L)'
;GAGALSPKAATLAERSAGLAFSLYQAMAKDQAVENILLSPVVVASSLGLVSLGGKATTASQAKAVLSAEQLRDEEVHAGL
GELLRSLSNSTARNVTWKLGSRLYGPSSVSFAEDFVRSSKQHYNCEHSKINFRDKRSALQSINEWAAQTTDGKLPEVTKD
VERTDGALLVNAMFFKPHWDEKFHHKMVDNRGFMVTRSYTVGVTMMHRTGLYNYYDDEKEKLQIVEMPLAHKLSSLIILM
PHHVEPLERLEKLLTKEQLKIWMGKMQKKAVAISLPKGVVEVTHDLQKHLAGLGLTEAIDKNKADLSRMSGKKDLYLASV
FHATAFEWDTEGNPFDQDIYGREELRSPKLFYADHPFIFLVRDTQSGSLLFIGRLVRPKGDKMRDEL
;
A
2 'polypeptide(L)'
;MGVSDVPRDLEVVAATPTSLLISWDAPPYYVRYYRITYGETGGNSPVQEFTVPGSKSTATISGLKPGVDYTITVYAEHPY
YDPSSSYYFSSKPISINYRTPHHHHHH
;
B
#
# COMPACT_ATOMS: atom_id res chain seq x y z
N ALA A 4 1.71 20.22 -20.13
CA ALA A 4 2.23 20.29 -18.76
C ALA A 4 1.36 21.22 -17.87
N LEU A 5 1.52 21.14 -16.52
CA LEU A 5 0.74 21.95 -15.60
C LEU A 5 1.09 23.42 -15.71
N SER A 6 0.08 24.31 -15.62
CA SER A 6 0.28 25.75 -15.65
C SER A 6 0.93 26.20 -14.32
N PRO A 7 1.60 27.38 -14.26
CA PRO A 7 2.21 27.80 -12.99
C PRO A 7 1.30 27.73 -11.74
N LYS A 8 0.03 28.16 -11.85
CA LYS A 8 -0.89 28.11 -10.72
C LYS A 8 -1.16 26.64 -10.25
N ALA A 9 -1.36 25.71 -11.19
CA ALA A 9 -1.62 24.31 -10.90
C ALA A 9 -0.38 23.60 -10.36
N ALA A 10 0.83 24.00 -10.80
CA ALA A 10 2.07 23.41 -10.33
C ALA A 10 2.34 23.80 -8.89
N THR A 11 2.15 25.09 -8.52
CA THR A 11 2.38 25.50 -7.13
C THR A 11 1.32 24.87 -6.22
N LEU A 12 0.07 24.74 -6.68
CA LEU A 12 -0.99 24.10 -5.90
C LEU A 12 -0.72 22.60 -5.72
N ALA A 13 -0.10 21.92 -6.72
CA ALA A 13 0.26 20.50 -6.61
C ALA A 13 1.32 20.35 -5.50
N GLU A 14 2.30 21.26 -5.44
CA GLU A 14 3.36 21.25 -4.44
C GLU A 14 2.77 21.49 -3.05
N ARG A 15 1.82 22.43 -2.92
CA ARG A 15 1.15 22.73 -1.66
C ARG A 15 0.29 21.56 -1.23
N SER A 16 -0.41 20.89 -2.17
CA SER A 16 -1.24 19.72 -1.90
C SER A 16 -0.41 18.61 -1.28
N ALA A 17 0.79 18.36 -1.83
CA ALA A 17 1.67 17.32 -1.32
C ALA A 17 2.10 17.69 0.11
N GLY A 18 2.47 18.96 0.35
CA GLY A 18 2.83 19.43 1.68
C GLY A 18 1.72 19.23 2.68
N LEU A 19 0.49 19.57 2.28
CA LEU A 19 -0.71 19.37 3.08
C LEU A 19 -0.98 17.88 3.35
N ALA A 20 -0.82 17.00 2.34
CA ALA A 20 -1.02 15.56 2.50
C ALA A 20 0.02 14.94 3.45
N PHE A 21 1.29 15.42 3.43
CA PHE A 21 2.32 14.97 4.36
C PHE A 21 1.91 15.40 5.79
N SER A 22 1.41 16.64 5.95
CA SER A 22 0.95 17.16 7.24
C SER A 22 -0.22 16.36 7.79
N LEU A 23 -1.23 16.01 6.95
CA LEU A 23 -2.35 15.19 7.42
C LEU A 23 -1.84 13.79 7.75
N TYR A 24 -0.97 13.22 6.91
CA TYR A 24 -0.41 11.89 7.13
C TYR A 24 0.26 11.81 8.52
N GLN A 25 1.13 12.79 8.83
CA GLN A 25 1.84 12.80 10.10
C GLN A 25 0.87 12.95 11.29
N ALA A 26 -0.14 13.81 11.18
CA ALA A 26 -1.11 13.99 12.26
C ALA A 26 -1.95 12.73 12.50
N MET A 27 -2.35 12.05 11.43
CA MET A 27 -3.14 10.83 11.53
C MET A 27 -2.29 9.67 12.05
N ALA A 28 -1.01 9.58 11.67
CA ALA A 28 -0.09 8.54 12.16
C ALA A 28 0.15 8.67 13.66
N LYS A 29 0.09 9.89 14.22
CA LYS A 29 0.24 10.11 15.66
C LYS A 29 -1.00 9.61 16.40
N ASP A 30 -2.20 9.70 15.78
CA ASP A 30 -3.44 9.19 16.38
C ASP A 30 -3.30 7.65 16.42
N GLN A 31 -3.12 7.10 17.63
CA GLN A 31 -2.88 5.66 17.80
C GLN A 31 -4.10 4.79 17.46
N ALA A 32 -5.29 5.38 17.29
CA ALA A 32 -6.48 4.62 16.92
C ALA A 32 -6.39 4.21 15.43
N VAL A 33 -5.85 5.11 14.55
CA VAL A 33 -5.73 4.88 13.09
C VAL A 33 -4.73 3.76 12.76
N GLU A 34 -5.11 2.83 11.86
CA GLU A 34 -4.23 1.74 11.41
C GLU A 34 -3.73 2.07 9.98
N ASN A 35 -4.52 1.76 8.91
CA ASN A 35 -4.11 2.07 7.56
C ASN A 35 -4.40 3.55 7.29
N ILE A 36 -3.58 4.15 6.43
CA ILE A 36 -3.73 5.53 6.00
C ILE A 36 -3.70 5.53 4.48
N LEU A 37 -4.54 6.36 3.87
CA LEU A 37 -4.55 6.53 2.44
C LEU A 37 -5.10 7.89 2.11
N LEU A 38 -4.24 8.79 1.62
CA LEU A 38 -4.60 10.12 1.24
C LEU A 38 -4.20 10.37 -0.21
N SER A 39 -5.08 11.06 -0.95
CA SER A 39 -4.85 11.53 -2.31
C SER A 39 -4.73 13.05 -2.15
N PRO A 40 -3.52 13.66 -2.31
CA PRO A 40 -3.40 15.11 -2.10
C PRO A 40 -4.36 16.02 -2.86
N VAL A 41 -4.65 15.74 -4.15
CA VAL A 41 -5.56 16.58 -4.94
C VAL A 41 -6.99 16.53 -4.41
N VAL A 42 -7.42 15.38 -3.85
CA VAL A 42 -8.76 15.25 -3.28
C VAL A 42 -8.87 16.03 -1.96
N VAL A 43 -7.80 16.01 -1.15
CA VAL A 43 -7.76 16.77 0.10
C VAL A 43 -7.81 18.27 -0.23
N ALA A 44 -7.02 18.71 -1.22
CA ALA A 44 -6.99 20.10 -1.64
C ALA A 44 -8.31 20.54 -2.25
N SER A 45 -8.94 19.70 -3.10
CA SER A 45 -10.22 20.06 -3.71
C SER A 45 -11.36 20.16 -2.65
N SER A 46 -11.22 19.46 -1.52
CA SER A 46 -12.17 19.54 -0.41
C SER A 46 -12.07 20.91 0.26
N LEU A 47 -10.85 21.46 0.40
CA LEU A 47 -10.64 22.80 0.93
C LEU A 47 -11.12 23.85 -0.08
N GLY A 48 -10.89 23.61 -1.37
CA GLY A 48 -11.36 24.45 -2.47
C GLY A 48 -12.87 24.56 -2.46
N LEU A 49 -13.59 23.45 -2.15
CA LEU A 49 -15.04 23.48 -2.05
C LEU A 49 -15.51 24.33 -0.87
N VAL A 50 -14.76 24.32 0.25
CA VAL A 50 -15.08 25.15 1.41
C VAL A 50 -14.84 26.63 1.04
N SER A 51 -13.74 26.93 0.33
CA SER A 51 -13.47 28.29 -0.13
C SER A 51 -14.60 28.78 -1.07
N LEU A 52 -15.05 27.91 -1.99
CA LEU A 52 -16.10 28.23 -2.95
C LEU A 52 -17.46 28.43 -2.30
N GLY A 53 -17.80 27.61 -1.32
CA GLY A 53 -19.07 27.71 -0.62
C GLY A 53 -19.07 28.53 0.66
N GLY A 54 -17.94 29.18 0.98
CA GLY A 54 -17.80 29.97 2.19
C GLY A 54 -17.59 31.45 1.97
N LYS A 55 -17.74 32.23 3.06
CA LYS A 55 -17.55 33.69 3.13
C LYS A 55 -16.78 34.03 4.41
N ALA A 56 -16.34 35.31 4.57
CA ALA A 56 -15.67 35.80 5.78
C ALA A 56 -14.44 34.88 6.17
N THR A 57 -14.05 34.63 7.47
CA THR A 57 -12.89 33.80 7.79
C THR A 57 -13.09 32.29 7.50
N THR A 58 -14.31 31.82 7.16
CA THR A 58 -14.52 30.40 6.81
C THR A 58 -13.80 30.10 5.48
N ALA A 59 -14.00 30.96 4.47
CA ALA A 59 -13.37 30.79 3.16
C ALA A 59 -11.89 31.17 3.17
N SER A 60 -11.50 32.22 3.94
CA SER A 60 -10.11 32.65 3.99
C SER A 60 -9.22 31.61 4.70
N GLN A 61 -9.73 30.93 5.74
CA GLN A 61 -8.97 29.88 6.42
C GLN A 61 -8.70 28.70 5.47
N ALA A 62 -9.63 28.39 4.55
CA ALA A 62 -9.44 27.32 3.57
C ALA A 62 -8.31 27.71 2.59
N LYS A 63 -8.32 28.97 2.10
CA LYS A 63 -7.26 29.49 1.23
C LYS A 63 -5.91 29.50 1.96
N ALA A 64 -5.91 29.81 3.27
CA ALA A 64 -4.70 29.85 4.09
C ALA A 64 -4.05 28.49 4.22
N VAL A 65 -4.83 27.40 4.26
CA VAL A 65 -4.26 26.04 4.35
C VAL A 65 -3.58 25.72 3.00
N LEU A 66 -4.22 26.09 1.87
CA LEU A 66 -3.61 25.89 0.54
C LEU A 66 -2.51 26.96 0.22
N SER A 67 -2.17 27.85 1.18
CA SER A 67 -1.21 28.94 1.00
C SER A 67 -1.50 29.78 -0.26
N ALA A 68 -2.76 29.81 -0.71
CA ALA A 68 -3.17 30.51 -1.91
C ALA A 68 -3.72 31.90 -1.63
N GLU A 69 -3.30 32.53 -0.52
CA GLU A 69 -3.75 33.89 -0.21
C GLU A 69 -3.24 34.94 -1.22
N GLN A 70 -2.13 34.64 -1.94
CA GLN A 70 -1.61 35.52 -2.97
C GLN A 70 -2.48 35.38 -4.24
N LEU A 71 -2.89 34.14 -4.58
CA LEU A 71 -3.73 33.87 -5.76
C LEU A 71 -5.14 34.41 -5.58
N ARG A 72 -5.82 34.75 -6.69
CA ARG A 72 -7.21 35.22 -6.68
C ARG A 72 -8.16 34.04 -6.40
N ASP A 73 -9.40 34.31 -5.98
CA ASP A 73 -10.36 33.24 -5.69
C ASP A 73 -10.55 32.28 -6.89
N GLU A 74 -10.86 32.80 -8.09
CA GLU A 74 -11.06 31.96 -9.27
C GLU A 74 -9.77 31.25 -9.74
N GLU A 75 -8.59 31.79 -9.41
CA GLU A 75 -7.32 31.15 -9.77
C GLU A 75 -7.11 29.85 -8.94
N VAL A 76 -7.66 29.78 -7.72
CA VAL A 76 -7.56 28.59 -6.87
C VAL A 76 -8.43 27.48 -7.45
N HIS A 77 -9.66 27.83 -7.87
CA HIS A 77 -10.62 26.88 -8.42
C HIS A 77 -10.21 26.43 -9.81
N ALA A 78 -9.60 27.32 -10.62
CA ALA A 78 -9.11 26.97 -11.95
C ALA A 78 -7.86 26.08 -11.81
N GLY A 79 -6.96 26.43 -10.88
CA GLY A 79 -5.76 25.65 -10.63
C GLY A 79 -6.05 24.27 -10.10
N LEU A 80 -6.93 24.16 -9.08
CA LEU A 80 -7.32 22.85 -8.55
C LEU A 80 -8.14 22.07 -9.57
N GLY A 81 -8.99 22.76 -10.34
CA GLY A 81 -9.75 22.15 -11.43
C GLY A 81 -8.84 21.53 -12.47
N GLU A 82 -7.74 22.24 -12.82
CA GLU A 82 -6.73 21.75 -13.76
C GLU A 82 -6.00 20.52 -13.19
N LEU A 83 -5.61 20.55 -11.91
CA LEU A 83 -4.95 19.41 -11.29
C LEU A 83 -5.82 18.14 -11.31
N LEU A 84 -7.11 18.24 -10.87
CA LEU A 84 -8.02 17.09 -10.86
C LEU A 84 -8.17 16.47 -12.25
N ARG A 85 -8.36 17.30 -13.29
CA ARG A 85 -8.51 16.79 -14.66
C ARG A 85 -7.20 16.14 -15.12
N SER A 86 -6.04 16.80 -14.89
CA SER A 86 -4.73 16.31 -15.30
C SER A 86 -4.35 14.95 -14.70
N LEU A 87 -4.81 14.63 -13.48
CA LEU A 87 -4.51 13.33 -12.88
C LEU A 87 -5.48 12.25 -13.34
N SER A 88 -6.74 12.61 -13.68
CA SER A 88 -7.72 11.65 -14.20
C SER A 88 -7.69 11.63 -15.74
N ASN A 89 -6.48 11.71 -16.32
CA ASN A 89 -6.28 11.74 -17.76
C ASN A 89 -4.81 11.40 -18.10
N SER A 90 -3.84 12.02 -17.39
CA SER A 90 -2.41 11.75 -17.61
C SER A 90 -1.99 10.38 -17.12
N THR A 91 -2.70 9.80 -16.11
CA THR A 91 -2.38 8.44 -15.67
C THR A 91 -2.77 7.48 -16.79
N ALA A 92 -1.88 6.50 -17.13
CA ALA A 92 -2.09 5.54 -18.22
C ALA A 92 -3.48 4.89 -18.24
N ARG A 93 -3.95 4.53 -19.45
CA ARG A 93 -5.28 3.94 -19.66
C ARG A 93 -5.53 2.65 -18.86
N ASN A 94 -4.51 1.79 -18.72
CA ASN A 94 -4.64 0.54 -17.99
C ASN A 94 -4.64 0.72 -16.46
N VAL A 95 -4.14 1.88 -15.94
CA VAL A 95 -4.14 2.17 -14.50
C VAL A 95 -5.57 2.61 -14.13
N THR A 96 -6.25 1.94 -13.19
CA THR A 96 -7.62 2.30 -12.82
C THR A 96 -7.66 3.34 -11.70
N TRP A 97 -8.41 4.42 -11.92
CA TRP A 97 -8.58 5.48 -10.96
C TRP A 97 -10.00 6.06 -11.07
N LYS A 98 -10.89 5.62 -10.17
CA LYS A 98 -12.28 6.10 -10.13
C LYS A 98 -12.41 7.04 -8.95
N LEU A 99 -12.98 8.24 -9.15
CA LEU A 99 -13.16 9.24 -8.11
C LEU A 99 -14.54 9.87 -8.25
N GLY A 100 -15.22 10.06 -7.11
CA GLY A 100 -16.51 10.74 -7.05
C GLY A 100 -16.55 11.61 -5.81
N SER A 101 -17.13 12.81 -5.93
CA SER A 101 -17.26 13.76 -4.81
C SER A 101 -18.73 14.16 -4.72
N ARG A 102 -19.32 14.09 -3.50
CA ARG A 102 -20.74 14.38 -3.28
C ARG A 102 -20.91 15.15 -1.98
N LEU A 103 -21.61 16.30 -2.05
CA LEU A 103 -21.90 17.10 -0.88
C LEU A 103 -23.33 16.74 -0.46
N TYR A 104 -23.50 16.25 0.76
CA TYR A 104 -24.79 15.86 1.32
C TYR A 104 -25.23 16.93 2.31
N GLY A 105 -26.42 17.47 2.11
CA GLY A 105 -26.99 18.44 3.03
C GLY A 105 -28.27 17.91 3.64
N PRO A 106 -28.79 18.49 4.76
CA PRO A 106 -30.08 18.01 5.28
C PRO A 106 -31.24 18.25 4.30
N SER A 107 -32.35 17.51 4.48
CA SER A 107 -33.55 17.61 3.64
C SER A 107 -34.04 19.07 3.46
N SER A 108 -34.02 19.87 4.54
CA SER A 108 -34.44 21.27 4.53
C SER A 108 -33.31 22.24 4.09
N VAL A 109 -32.59 21.91 3.00
CA VAL A 109 -31.51 22.77 2.50
C VAL A 109 -31.61 22.84 0.98
N SER A 110 -31.52 24.06 0.43
CA SER A 110 -31.51 24.30 -1.00
C SER A 110 -30.13 24.84 -1.33
N PHE A 111 -29.38 24.14 -2.20
CA PHE A 111 -28.05 24.60 -2.60
C PHE A 111 -28.23 25.70 -3.67
N ALA A 112 -27.43 26.78 -3.60
CA ALA A 112 -27.52 27.88 -4.57
C ALA A 112 -27.09 27.44 -5.97
N GLU A 113 -27.72 28.00 -7.03
CA GLU A 113 -27.41 27.65 -8.42
C GLU A 113 -25.95 27.95 -8.80
N ASP A 114 -25.41 29.11 -8.36
CA ASP A 114 -24.03 29.46 -8.68
C ASP A 114 -23.05 28.50 -8.01
N PHE A 115 -23.31 28.13 -6.73
CA PHE A 115 -22.43 27.18 -6.04
C PHE A 115 -22.48 25.82 -6.73
N VAL A 116 -23.68 25.32 -7.04
CA VAL A 116 -23.84 24.03 -7.71
C VAL A 116 -23.12 24.04 -9.06
N ARG A 117 -23.26 25.14 -9.84
CA ARG A 117 -22.63 25.27 -11.15
C ARG A 117 -21.11 25.27 -11.10
N SER A 118 -20.50 26.10 -10.24
CA SER A 118 -19.04 26.16 -10.16
C SER A 118 -18.43 24.92 -9.47
N SER A 119 -19.07 24.40 -8.40
CA SER A 119 -18.58 23.18 -7.74
C SER A 119 -18.63 21.98 -8.71
N LYS A 120 -19.58 21.97 -9.64
CA LYS A 120 -19.71 20.94 -10.68
C LYS A 120 -18.63 21.15 -11.75
N GLN A 121 -18.36 22.40 -12.12
CA GLN A 121 -17.39 22.74 -13.16
C GLN A 121 -15.95 22.44 -12.73
N HIS A 122 -15.51 22.96 -11.58
CA HIS A 122 -14.14 22.80 -11.14
C HIS A 122 -13.85 21.48 -10.42
N TYR A 123 -14.77 21.03 -9.55
CA TYR A 123 -14.54 19.85 -8.72
C TYR A 123 -15.38 18.64 -9.05
N ASN A 124 -16.27 18.73 -10.07
CA ASN A 124 -17.18 17.64 -10.44
C ASN A 124 -18.02 17.19 -9.23
N CYS A 125 -18.39 18.16 -8.37
CA CYS A 125 -19.12 17.88 -7.16
C CYS A 125 -20.56 17.58 -7.46
N GLU A 126 -21.07 16.54 -6.83
CA GLU A 126 -22.46 16.14 -6.93
C GLU A 126 -23.14 16.63 -5.65
N HIS A 127 -24.48 16.79 -5.66
CA HIS A 127 -25.20 17.30 -4.49
C HIS A 127 -26.39 16.42 -4.18
N SER A 128 -26.66 16.19 -2.89
CA SER A 128 -27.74 15.33 -2.46
C SER A 128 -28.31 15.85 -1.13
N LYS A 129 -29.62 15.69 -0.96
CA LYS A 129 -30.36 16.11 0.24
C LYS A 129 -30.72 14.81 0.96
N ILE A 130 -30.53 14.77 2.29
CA ILE A 130 -30.64 13.52 3.06
C ILE A 130 -31.05 13.76 4.52
N ASN A 131 -31.89 12.87 5.09
CA ASN A 131 -32.25 12.96 6.49
C ASN A 131 -31.21 12.14 7.25
N PHE A 132 -30.18 12.81 7.80
CA PHE A 132 -29.10 12.13 8.50
C PHE A 132 -29.58 11.38 9.75
N ARG A 133 -30.71 11.79 10.35
CA ARG A 133 -31.25 11.15 11.56
C ARG A 133 -31.81 9.76 11.27
N ASP A 134 -32.40 9.53 10.08
CA ASP A 134 -32.86 8.19 9.68
C ASP A 134 -31.61 7.50 9.17
N LYS A 135 -30.80 6.98 10.09
CA LYS A 135 -29.49 6.46 9.75
C LYS A 135 -29.49 5.22 8.86
N ARG A 136 -30.51 4.35 8.86
CA ARG A 136 -30.53 3.21 7.92
C ARG A 136 -30.61 3.77 6.49
N SER A 137 -31.53 4.71 6.24
CA SER A 137 -31.67 5.34 4.92
C SER A 137 -30.48 6.22 4.56
N ALA A 138 -29.96 7.00 5.51
CA ALA A 138 -28.85 7.88 5.23
C ALA A 138 -27.56 7.11 4.90
N LEU A 139 -27.26 6.05 5.67
CA LEU A 139 -26.09 5.22 5.44
C LEU A 139 -26.22 4.46 4.13
N GLN A 140 -27.40 3.89 3.85
CA GLN A 140 -27.67 3.18 2.59
C GLN A 140 -27.41 4.09 1.39
N SER A 141 -27.89 5.33 1.43
CA SER A 141 -27.70 6.27 0.33
C SER A 141 -26.21 6.61 0.12
N ILE A 142 -25.47 6.88 1.21
CA ILE A 142 -24.06 7.23 1.13
C ILE A 142 -23.25 6.02 0.64
N ASN A 143 -23.46 4.86 1.23
CA ASN A 143 -22.67 3.66 0.89
C ASN A 143 -22.99 3.11 -0.52
N GLU A 144 -24.27 3.13 -0.96
CA GLU A 144 -24.60 2.67 -2.31
C GLU A 144 -24.05 3.66 -3.35
N TRP A 145 -24.00 4.97 -3.05
CA TRP A 145 -23.41 5.93 -3.97
C TRP A 145 -21.91 5.66 -4.10
N ALA A 146 -21.22 5.43 -2.97
CA ALA A 146 -19.79 5.17 -2.98
C ALA A 146 -19.48 3.85 -3.68
N ALA A 147 -20.34 2.84 -3.52
CA ALA A 147 -20.16 1.55 -4.19
C ALA A 147 -20.37 1.73 -5.69
N GLN A 148 -21.43 2.45 -6.14
CA GLN A 148 -21.63 2.67 -7.58
C GLN A 148 -20.48 3.50 -8.22
N THR A 149 -19.93 4.47 -7.47
CA THR A 149 -18.80 5.29 -7.92
C THR A 149 -17.57 4.43 -8.20
N THR A 150 -17.30 3.47 -7.29
CA THR A 150 -16.12 2.61 -7.35
C THR A 150 -16.37 1.20 -7.93
N ASP A 151 -17.51 0.96 -8.60
CA ASP A 151 -17.88 -0.36 -9.16
C ASP A 151 -17.79 -1.47 -8.10
N GLY A 152 -18.43 -1.25 -6.96
CA GLY A 152 -18.50 -2.19 -5.85
C GLY A 152 -17.21 -2.43 -5.09
N LYS A 153 -16.13 -1.73 -5.43
CA LYS A 153 -14.84 -1.95 -4.77
C LYS A 153 -14.77 -1.33 -3.37
N LEU A 154 -15.43 -0.20 -3.18
CA LEU A 154 -15.52 0.46 -1.89
C LEU A 154 -17.01 0.37 -1.48
N PRO A 155 -17.47 -0.76 -0.89
CA PRO A 155 -18.91 -0.89 -0.62
C PRO A 155 -19.43 -0.15 0.60
N GLU A 156 -18.55 0.45 1.42
CA GLU A 156 -18.97 1.14 2.63
C GLU A 156 -18.03 2.28 3.01
N VAL A 157 -18.54 3.52 3.00
CA VAL A 157 -17.76 4.67 3.43
C VAL A 157 -17.69 4.61 4.97
N THR A 158 -18.84 4.55 5.66
CA THR A 158 -18.87 4.60 7.12
C THR A 158 -20.00 3.75 7.69
N LYS A 159 -19.84 3.34 8.94
CA LYS A 159 -20.83 2.55 9.66
C LYS A 159 -21.81 3.42 10.49
N ASP A 160 -21.56 4.74 10.57
CA ASP A 160 -22.43 5.68 11.29
C ASP A 160 -22.16 7.12 10.81
N VAL A 161 -23.13 8.03 10.99
CA VAL A 161 -22.99 9.45 10.70
C VAL A 161 -22.96 10.09 12.10
N GLU A 162 -21.78 10.50 12.56
CA GLU A 162 -21.60 11.04 13.91
C GLU A 162 -22.30 12.39 14.11
N ARG A 163 -22.21 13.29 13.13
CA ARG A 163 -22.80 14.63 13.24
C ARG A 163 -23.87 14.81 12.16
N THR A 164 -25.14 14.90 12.60
CA THR A 164 -26.33 14.92 11.73
C THR A 164 -26.92 16.31 11.41
N ASP A 165 -26.26 17.41 11.82
CA ASP A 165 -26.83 18.75 11.62
C ASP A 165 -25.99 19.71 10.75
N GLY A 166 -25.42 19.22 9.66
CA GLY A 166 -24.62 20.04 8.75
C GLY A 166 -24.40 19.37 7.42
N ALA A 167 -23.37 19.79 6.69
CA ALA A 167 -23.00 19.22 5.39
C ALA A 167 -22.00 18.07 5.58
N LEU A 168 -22.09 17.06 4.73
CA LEU A 168 -21.23 15.89 4.73
C LEU A 168 -20.55 15.85 3.36
N LEU A 169 -19.22 16.07 3.29
CA LEU A 169 -18.52 15.98 2.01
C LEU A 169 -17.98 14.56 1.90
N VAL A 170 -18.32 13.83 0.82
CA VAL A 170 -17.87 12.44 0.67
C VAL A 170 -17.09 12.26 -0.62
N ASN A 171 -15.82 11.80 -0.50
CA ASN A 171 -14.96 11.52 -1.64
C ASN A 171 -14.75 10.00 -1.64
N ALA A 172 -15.23 9.31 -2.70
CA ALA A 172 -15.12 7.86 -2.84
C ALA A 172 -14.17 7.55 -4.00
N MET A 173 -13.16 6.71 -3.76
CA MET A 173 -12.14 6.40 -4.75
C MET A 173 -11.83 4.93 -4.85
N PHE A 174 -11.33 4.53 -6.03
CA PHE A 174 -10.77 3.21 -6.26
C PHE A 174 -9.52 3.39 -7.11
N PHE A 175 -8.38 2.93 -6.60
CA PHE A 175 -7.14 3.00 -7.33
C PHE A 175 -6.56 1.58 -7.42
N LYS A 176 -6.18 1.15 -8.62
CA LYS A 176 -5.56 -0.15 -8.81
C LYS A 176 -4.29 0.06 -9.63
N PRO A 177 -3.09 0.03 -9.02
CA PRO A 177 -1.86 0.19 -9.83
C PRO A 177 -1.67 -0.96 -10.83
N HIS A 178 -1.53 -0.64 -12.12
CA HIS A 178 -1.27 -1.58 -13.20
C HIS A 178 0.25 -1.47 -13.43
N TRP A 179 0.99 -2.53 -13.19
CA TRP A 179 2.44 -2.51 -13.25
C TRP A 179 2.99 -2.42 -14.69
N ASP A 180 4.16 -1.78 -14.86
CA ASP A 180 4.79 -1.71 -16.17
C ASP A 180 5.28 -3.11 -16.58
N GLU A 181 5.62 -3.99 -15.61
CA GLU A 181 5.99 -5.38 -15.84
C GLU A 181 5.15 -6.18 -14.83
N LYS A 182 4.16 -6.89 -15.34
CA LYS A 182 3.23 -7.67 -14.53
C LYS A 182 3.88 -8.76 -13.66
N PHE A 183 3.14 -9.18 -12.63
CA PHE A 183 3.45 -10.35 -11.80
C PHE A 183 2.65 -11.49 -12.46
N HIS A 184 3.15 -12.73 -12.37
CA HIS A 184 2.46 -13.87 -12.95
C HIS A 184 1.29 -14.21 -12.01
N HIS A 185 0.07 -14.37 -12.55
CA HIS A 185 -1.10 -14.65 -11.71
C HIS A 185 -1.02 -15.96 -10.90
N LYS A 186 -0.10 -16.90 -11.24
CA LYS A 186 0.05 -18.16 -10.51
C LYS A 186 1.15 -18.11 -9.42
N MET A 187 1.94 -17.02 -9.33
CA MET A 187 2.99 -16.93 -8.30
C MET A 187 2.41 -16.25 -7.06
N VAL A 188 1.43 -16.93 -6.47
CA VAL A 188 0.75 -16.50 -5.26
C VAL A 188 0.80 -17.66 -4.26
N ASP A 189 0.99 -17.34 -2.99
CA ASP A 189 1.02 -18.32 -1.91
C ASP A 189 0.44 -17.66 -0.65
N ASN A 190 0.20 -18.43 0.41
CA ASN A 190 -0.36 -17.88 1.65
C ASN A 190 0.75 -17.74 2.69
N ARG A 191 0.87 -16.55 3.25
CA ARG A 191 1.93 -16.22 4.21
C ARG A 191 1.33 -15.45 5.38
N GLY A 192 2.11 -15.31 6.44
CA GLY A 192 1.73 -14.52 7.58
C GLY A 192 2.26 -13.10 7.44
N PHE A 193 1.37 -12.09 7.54
CA PHE A 193 1.75 -10.69 7.54
C PHE A 193 1.81 -10.30 9.01
N MET A 194 2.98 -9.87 9.46
CA MET A 194 3.21 -9.48 10.85
C MET A 194 2.81 -8.01 11.06
N VAL A 195 1.62 -7.77 11.60
CA VAL A 195 1.14 -6.42 11.92
C VAL A 195 2.04 -5.84 13.04
N THR A 196 2.31 -6.67 14.07
CA THR A 196 3.20 -6.35 15.18
C THR A 196 4.11 -7.60 15.37
N ARG A 197 5.09 -7.54 16.30
CA ARG A 197 5.94 -8.70 16.61
C ARG A 197 5.15 -9.85 17.27
N SER A 198 3.90 -9.60 17.73
CA SER A 198 3.03 -10.61 18.36
C SER A 198 1.67 -10.79 17.68
N TYR A 199 1.34 -10.04 16.60
CA TYR A 199 0.06 -10.20 15.90
C TYR A 199 0.33 -10.46 14.41
N THR A 200 -0.05 -11.66 13.92
CA THR A 200 0.14 -12.07 12.52
C THR A 200 -1.22 -12.34 11.88
N VAL A 201 -1.44 -11.88 10.62
CA VAL A 201 -2.68 -12.13 9.86
C VAL A 201 -2.35 -12.91 8.57
N GLY A 202 -3.21 -13.86 8.22
CA GLY A 202 -3.01 -14.66 7.02
C GLY A 202 -3.37 -13.88 5.77
N VAL A 203 -2.42 -13.76 4.84
CA VAL A 203 -2.64 -13.02 3.59
C VAL A 203 -2.15 -13.84 2.40
N THR A 204 -2.64 -13.50 1.22
CA THR A 204 -2.12 -14.05 -0.03
C THR A 204 -0.99 -13.08 -0.40
N MET A 205 0.15 -13.60 -0.85
CA MET A 205 1.23 -12.75 -1.33
C MET A 205 1.53 -13.08 -2.77
N MET A 206 1.87 -12.05 -3.54
CA MET A 206 2.24 -12.17 -4.95
C MET A 206 3.74 -11.92 -5.04
N HIS A 207 4.42 -12.62 -5.97
CA HIS A 207 5.87 -12.54 -6.08
C HIS A 207 6.32 -12.37 -7.52
N ARG A 208 7.41 -11.59 -7.73
CA ARG A 208 8.04 -11.37 -9.04
C ARG A 208 9.43 -10.76 -8.83
N THR A 209 10.35 -11.04 -9.75
CA THR A 209 11.70 -10.49 -9.76
C THR A 209 11.86 -9.67 -11.04
N GLY A 210 12.52 -8.53 -10.92
CA GLY A 210 12.81 -7.66 -12.05
C GLY A 210 13.89 -6.67 -11.70
N LEU A 211 14.21 -5.77 -12.63
CA LEU A 211 15.19 -4.73 -12.36
C LEU A 211 14.42 -3.54 -11.86
N TYR A 212 14.72 -3.10 -10.64
CA TYR A 212 14.01 -1.99 -10.03
C TYR A 212 15.00 -1.03 -9.39
N ASN A 213 14.64 0.27 -9.38
CA ASN A 213 15.38 1.28 -8.62
C ASN A 213 15.22 0.94 -7.13
N TYR A 214 16.33 0.80 -6.43
CA TYR A 214 16.31 0.24 -5.08
C TYR A 214 17.41 0.79 -4.20
N TYR A 215 17.13 0.92 -2.91
CA TYR A 215 18.13 1.37 -1.96
C TYR A 215 17.90 0.69 -0.59
N ASP A 216 18.94 0.09 -0.05
CA ASP A 216 18.88 -0.50 1.30
C ASP A 216 19.84 0.32 2.14
N ASP A 217 19.33 0.96 3.18
CA ASP A 217 20.14 1.78 4.09
C ASP A 217 20.37 0.92 5.31
N GLU A 218 21.58 0.39 5.46
CA GLU A 218 21.90 -0.45 6.61
C GLU A 218 21.94 0.38 7.90
N LYS A 219 22.37 1.65 7.83
CA LYS A 219 22.43 2.55 8.99
C LYS A 219 21.02 2.78 9.53
N GLU A 220 20.09 3.16 8.65
CA GLU A 220 18.73 3.45 9.05
C GLU A 220 17.80 2.24 9.04
N LYS A 221 18.29 1.03 8.69
CA LYS A 221 17.52 -0.21 8.70
C LYS A 221 16.19 -0.09 7.97
N LEU A 222 16.27 0.31 6.70
CA LEU A 222 15.11 0.44 5.85
C LEU A 222 15.45 0.06 4.40
N GLN A 223 14.42 -0.27 3.63
CA GLN A 223 14.56 -0.56 2.21
C GLN A 223 13.53 0.32 1.49
N ILE A 224 13.89 0.78 0.29
CA ILE A 224 13.01 1.59 -0.52
C ILE A 224 13.12 1.10 -1.97
N VAL A 225 11.97 0.85 -2.59
CA VAL A 225 11.92 0.37 -3.96
C VAL A 225 10.92 1.20 -4.74
N GLU A 226 11.18 1.38 -6.03
CA GLU A 226 10.29 2.11 -6.92
C GLU A 226 9.81 1.12 -7.95
N MET A 227 8.50 0.96 -8.06
CA MET A 227 7.85 0.05 -8.99
C MET A 227 7.11 0.87 -10.06
N PRO A 228 7.67 1.00 -11.28
CA PRO A 228 6.95 1.77 -12.31
C PRO A 228 5.59 1.19 -12.67
N LEU A 229 4.63 2.07 -12.91
CA LEU A 229 3.30 1.68 -13.36
C LEU A 229 3.27 1.82 -14.90
N ALA A 230 2.21 1.31 -15.55
CA ALA A 230 2.03 1.29 -17.00
C ALA A 230 2.64 2.46 -17.77
N HIS A 231 3.53 2.15 -18.73
CA HIS A 231 4.21 3.11 -19.58
C HIS A 231 5.10 4.09 -18.84
N LYS A 232 5.46 3.79 -17.56
CA LYS A 232 6.34 4.61 -16.73
C LYS A 232 5.85 6.07 -16.55
N LEU A 233 4.54 6.31 -16.65
CA LEU A 233 3.97 7.66 -16.44
C LEU A 233 3.71 7.95 -14.94
N SER A 234 3.75 6.91 -14.10
CA SER A 234 3.64 7.03 -12.65
C SER A 234 4.39 5.83 -12.02
N SER A 235 4.66 5.91 -10.73
CA SER A 235 5.37 4.85 -10.03
C SER A 235 4.89 4.76 -8.59
N LEU A 236 4.97 3.56 -8.04
CA LEU A 236 4.61 3.31 -6.66
C LEU A 236 5.94 3.10 -5.94
N ILE A 237 6.20 3.90 -4.89
CA ILE A 237 7.42 3.83 -4.09
C ILE A 237 7.07 3.21 -2.74
N ILE A 238 7.79 2.15 -2.34
CA ILE A 238 7.53 1.47 -1.08
C ILE A 238 8.74 1.64 -0.18
N LEU A 239 8.50 2.06 1.07
CA LEU A 239 9.52 2.29 2.09
C LEU A 239 9.16 1.40 3.27
N MET A 240 10.06 0.51 3.67
CA MET A 240 9.76 -0.46 4.72
C MET A 240 10.94 -0.65 5.69
N PRO A 241 10.75 -0.73 7.02
CA PRO A 241 11.90 -1.08 7.89
C PRO A 241 12.38 -2.51 7.63
N HIS A 242 13.64 -2.82 7.94
CA HIS A 242 14.20 -4.16 7.75
C HIS A 242 13.38 -5.25 8.47
N HIS A 243 12.97 -4.98 9.70
CA HIS A 243 12.18 -5.91 10.50
C HIS A 243 10.87 -5.25 10.96
N VAL A 244 9.98 -6.04 11.56
CA VAL A 244 8.68 -5.54 12.05
C VAL A 244 8.94 -4.50 13.14
N GLU A 245 8.35 -3.33 13.00
CA GLU A 245 8.44 -2.30 14.02
C GLU A 245 7.34 -1.26 13.79
N PRO A 246 6.90 -0.50 14.83
CA PRO A 246 5.94 0.60 14.54
C PRO A 246 6.54 1.57 13.52
N LEU A 247 5.74 2.06 12.57
CA LEU A 247 6.26 2.91 11.51
C LEU A 247 6.72 4.31 11.94
N GLU A 248 6.44 4.72 13.20
CA GLU A 248 6.77 6.03 13.76
C GLU A 248 8.22 6.51 13.48
N ARG A 249 9.24 5.67 13.74
CA ARG A 249 10.64 6.08 13.53
C ARG A 249 10.92 6.46 12.07
N LEU A 250 10.36 5.69 11.13
CA LEU A 250 10.53 5.91 9.69
C LEU A 250 9.65 7.08 9.20
N GLU A 251 8.45 7.23 9.77
CA GLU A 251 7.54 8.31 9.41
C GLU A 251 8.15 9.66 9.79
N LYS A 252 8.83 9.73 10.96
CA LYS A 252 9.49 10.98 11.37
C LYS A 252 10.64 11.32 10.43
N LEU A 253 11.41 10.33 9.96
CA LEU A 253 12.48 10.58 8.98
C LEU A 253 11.92 11.07 7.65
N LEU A 254 10.77 10.50 7.21
CA LEU A 254 10.15 10.81 5.93
C LEU A 254 9.70 12.26 5.82
N THR A 255 10.36 13.03 4.93
CA THR A 255 10.05 14.42 4.56
C THR A 255 10.25 14.53 3.03
N LYS A 256 9.79 15.66 2.42
CA LYS A 256 9.97 15.93 0.99
C LYS A 256 11.48 15.86 0.64
N GLU A 257 12.33 16.50 1.47
CA GLU A 257 13.79 16.56 1.30
C GLU A 257 14.43 15.18 1.45
N GLN A 258 14.04 14.38 2.47
CA GLN A 258 14.62 13.04 2.68
C GLN A 258 14.19 12.05 1.59
N LEU A 259 12.93 12.13 1.11
CA LEU A 259 12.49 11.27 0.03
C LEU A 259 13.33 11.56 -1.24
N LYS A 260 13.69 12.83 -1.49
CA LYS A 260 14.55 13.21 -2.62
C LYS A 260 15.94 12.58 -2.46
N ILE A 261 16.55 12.60 -1.26
CA ILE A 261 17.86 11.97 -1.04
C ILE A 261 17.75 10.44 -1.30
N TRP A 262 16.74 9.79 -0.71
CA TRP A 262 16.50 8.36 -0.91
C TRP A 262 16.31 8.00 -2.40
N MET A 263 15.51 8.80 -3.14
CA MET A 263 15.30 8.54 -4.56
C MET A 263 16.60 8.75 -5.36
N GLY A 264 17.41 9.73 -4.99
CA GLY A 264 18.71 9.94 -5.61
C GLY A 264 19.70 8.82 -5.33
N LYS A 265 19.58 8.14 -4.17
CA LYS A 265 20.47 7.03 -3.82
C LYS A 265 20.04 5.69 -4.47
N MET A 266 18.83 5.61 -5.06
CA MET A 266 18.38 4.37 -5.67
C MET A 266 19.23 4.01 -6.86
N GLN A 267 19.49 2.71 -7.02
CA GLN A 267 20.28 2.18 -8.12
C GLN A 267 19.48 1.04 -8.75
N LYS A 268 19.70 0.78 -10.03
CA LYS A 268 18.98 -0.24 -10.76
C LYS A 268 19.52 -1.62 -10.37
N LYS A 269 18.72 -2.40 -9.60
CA LYS A 269 19.15 -3.72 -9.11
C LYS A 269 18.08 -4.77 -9.32
N ALA A 270 18.48 -6.05 -9.36
CA ALA A 270 17.53 -7.15 -9.45
C ALA A 270 16.88 -7.28 -8.07
N VAL A 271 15.55 -7.11 -7.98
CA VAL A 271 14.85 -7.20 -6.71
C VAL A 271 13.74 -8.24 -6.87
N ALA A 272 13.69 -9.19 -5.93
CA ALA A 272 12.65 -10.21 -5.81
C ALA A 272 11.60 -9.62 -4.83
N ILE A 273 10.49 -9.12 -5.36
CA ILE A 273 9.45 -8.43 -4.60
C ILE A 273 8.30 -9.37 -4.22
N SER A 274 7.86 -9.31 -2.95
CA SER A 274 6.68 -10.03 -2.47
C SER A 274 5.79 -9.00 -1.83
N LEU A 275 4.54 -8.94 -2.25
CA LEU A 275 3.59 -7.97 -1.71
C LEU A 275 2.30 -8.65 -1.30
N PRO A 276 1.58 -8.16 -0.26
CA PRO A 276 0.25 -8.70 0.02
C PRO A 276 -0.69 -8.39 -1.15
N LYS A 277 -1.52 -9.36 -1.54
CA LYS A 277 -2.43 -9.22 -2.67
C LYS A 277 -3.88 -9.10 -2.16
N GLY A 278 -4.62 -8.11 -2.66
CA GLY A 278 -6.01 -7.89 -2.27
C GLY A 278 -6.42 -6.44 -2.24
N VAL A 279 -7.66 -6.19 -1.85
CA VAL A 279 -8.21 -4.84 -1.76
C VAL A 279 -8.15 -4.36 -0.30
N VAL A 280 -7.65 -3.15 -0.09
CA VAL A 280 -7.56 -2.52 1.23
C VAL A 280 -8.54 -1.36 1.18
N GLU A 281 -9.53 -1.35 2.08
CA GLU A 281 -10.53 -0.29 2.15
C GLU A 281 -10.12 0.61 3.29
N VAL A 282 -9.83 1.88 3.01
CA VAL A 282 -9.39 2.83 4.02
C VAL A 282 -10.31 4.04 3.99
N THR A 283 -11.05 4.29 5.08
CA THR A 283 -11.90 5.47 5.17
C THR A 283 -11.44 6.36 6.32
N HIS A 284 -11.37 7.67 6.07
CA HIS A 284 -11.01 8.64 7.08
C HIS A 284 -12.05 9.75 7.05
N ASP A 285 -12.46 10.26 8.22
CA ASP A 285 -13.23 11.48 8.30
C ASP A 285 -12.14 12.48 8.66
N LEU A 286 -11.75 13.34 7.72
CA LEU A 286 -10.67 14.29 7.92
C LEU A 286 -11.10 15.57 8.67
N GLN A 287 -12.34 15.66 9.17
CA GLN A 287 -12.85 16.87 9.82
C GLN A 287 -11.98 17.35 11.00
N LYS A 288 -11.67 16.48 11.97
CA LYS A 288 -10.86 16.88 13.13
C LYS A 288 -9.41 17.19 12.76
N HIS A 289 -8.87 16.55 11.70
CA HIS A 289 -7.49 16.78 11.26
C HIS A 289 -7.37 18.06 10.46
N LEU A 290 -8.38 18.41 9.65
CA LEU A 290 -8.36 19.67 8.89
C LEU A 290 -8.49 20.86 9.85
N ALA A 291 -9.25 20.71 10.96
CA ALA A 291 -9.37 21.75 11.97
C ALA A 291 -7.99 21.98 12.62
N GLY A 292 -7.27 20.90 12.90
CA GLY A 292 -5.92 20.95 13.46
C GLY A 292 -4.89 21.62 12.58
N LEU A 293 -5.16 21.81 11.27
CA LEU A 293 -4.24 22.48 10.34
C LEU A 293 -4.69 23.89 9.93
N GLY A 294 -5.72 24.45 10.57
CA GLY A 294 -6.18 25.80 10.23
C GLY A 294 -7.67 25.96 9.96
N LEU A 295 -8.35 24.90 9.48
CA LEU A 295 -9.78 25.01 9.14
C LEU A 295 -10.67 24.87 10.40
N THR A 296 -10.63 25.87 11.29
CA THR A 296 -11.36 25.84 12.55
C THR A 296 -12.82 26.36 12.46
N GLU A 297 -13.08 27.40 11.66
CA GLU A 297 -14.41 28.01 11.58
C GLU A 297 -15.42 27.14 10.83
N ALA A 298 -15.05 26.58 9.67
CA ALA A 298 -15.95 25.76 8.85
C ALA A 298 -16.55 24.57 9.61
N ILE A 299 -15.75 23.94 10.49
CA ILE A 299 -16.17 22.76 11.25
C ILE A 299 -16.94 23.09 12.55
N ASP A 300 -17.12 24.39 12.88
CA ASP A 300 -17.82 24.80 14.10
C ASP A 300 -19.25 25.20 13.75
N LYS A 301 -20.24 24.57 14.40
CA LYS A 301 -21.67 24.82 14.18
C LYS A 301 -22.08 26.30 14.32
N ASN A 302 -21.46 27.02 15.27
CA ASN A 302 -21.79 28.43 15.54
C ASN A 302 -21.02 29.42 14.68
N LYS A 303 -19.71 29.19 14.44
CA LYS A 303 -18.86 30.12 13.70
C LYS A 303 -18.85 29.90 12.17
N ALA A 304 -19.27 28.74 11.65
CA ALA A 304 -19.22 28.48 10.21
C ALA A 304 -20.02 29.46 9.39
N ASP A 305 -19.52 29.77 8.19
CA ASP A 305 -20.18 30.68 7.27
C ASP A 305 -20.14 30.05 5.88
N LEU A 306 -21.08 29.12 5.63
CA LEU A 306 -21.21 28.46 4.34
C LEU A 306 -22.44 29.03 3.62
N SER A 307 -22.56 30.36 3.59
CA SER A 307 -23.69 31.06 2.96
C SER A 307 -23.69 31.02 1.43
N ARG A 308 -22.51 30.97 0.77
CA ARG A 308 -22.48 30.83 -0.70
C ARG A 308 -22.99 29.43 -1.13
N MET A 309 -22.83 28.42 -0.27
CA MET A 309 -23.26 27.05 -0.51
C MET A 309 -24.80 26.96 -0.39
N SER A 310 -25.35 27.60 0.65
CA SER A 310 -26.79 27.61 0.92
C SER A 310 -27.12 28.74 1.90
N GLY A 311 -28.28 29.37 1.74
CA GLY A 311 -28.72 30.41 2.67
C GLY A 311 -29.17 29.88 4.03
N LYS A 312 -29.06 28.54 4.24
CA LYS A 312 -29.43 27.83 5.48
C LYS A 312 -28.96 28.55 6.74
N LYS A 313 -27.69 29.03 6.77
CA LYS A 313 -27.10 29.68 7.95
C LYS A 313 -27.06 28.63 9.08
N ASP A 314 -26.00 28.63 9.90
CA ASP A 314 -25.80 27.60 10.93
C ASP A 314 -25.42 26.22 10.29
N LEU A 315 -25.29 26.15 8.93
CA LEU A 315 -24.84 24.97 8.19
C LEU A 315 -23.33 24.98 8.32
N TYR A 316 -22.75 23.83 8.67
CA TYR A 316 -21.30 23.72 8.86
C TYR A 316 -20.77 22.44 8.23
N LEU A 317 -19.44 22.32 8.13
CA LEU A 317 -18.81 21.14 7.59
C LEU A 317 -18.74 20.10 8.71
N ALA A 318 -19.72 19.17 8.72
CA ALA A 318 -19.80 18.14 9.75
C ALA A 318 -18.84 16.97 9.48
N SER A 319 -18.51 16.69 8.22
CA SER A 319 -17.62 15.59 7.89
C SER A 319 -16.94 15.79 6.53
N VAL A 320 -15.72 15.25 6.38
CA VAL A 320 -14.96 15.25 5.13
C VAL A 320 -14.50 13.81 4.98
N PHE A 321 -15.34 12.94 4.41
CA PHE A 321 -14.96 11.54 4.24
C PHE A 321 -14.03 11.40 3.05
N HIS A 322 -12.91 10.71 3.26
CA HIS A 322 -11.90 10.40 2.26
C HIS A 322 -11.87 8.87 2.29
N ALA A 323 -12.57 8.23 1.35
CA ALA A 323 -12.72 6.78 1.31
C ALA A 323 -12.09 6.21 0.06
N THR A 324 -11.15 5.25 0.22
CA THR A 324 -10.46 4.67 -0.92
C THR A 324 -10.35 3.16 -0.83
N ALA A 325 -10.56 2.49 -1.97
CA ALA A 325 -10.33 1.06 -2.12
C ALA A 325 -9.04 1.01 -2.97
N PHE A 326 -7.97 0.44 -2.43
CA PHE A 326 -6.70 0.33 -3.14
C PHE A 326 -6.48 -1.14 -3.37
N GLU A 327 -6.41 -1.57 -4.63
CA GLU A 327 -6.23 -2.96 -4.96
C GLU A 327 -4.79 -3.30 -5.34
N TRP A 328 -4.16 -4.21 -4.59
CA TRP A 328 -2.86 -4.76 -4.87
C TRP A 328 -3.13 -6.04 -5.67
N ASP A 329 -2.70 -6.08 -6.93
CA ASP A 329 -2.97 -7.22 -7.79
C ASP A 329 -1.80 -7.51 -8.74
N THR A 330 -1.81 -8.68 -9.39
CA THR A 330 -0.73 -9.07 -10.29
C THR A 330 -0.78 -8.40 -11.66
N GLU A 331 -1.96 -7.88 -12.06
CA GLU A 331 -2.16 -7.32 -13.38
C GLU A 331 -1.20 -6.18 -13.76
N GLY A 332 -0.73 -6.25 -14.99
CA GLY A 332 0.23 -5.33 -15.53
C GLY A 332 0.54 -5.65 -16.98
N ASN A 333 1.51 -4.94 -17.56
CA ASN A 333 1.88 -5.11 -18.95
C ASN A 333 2.82 -6.29 -19.16
N PRO A 334 2.77 -6.98 -20.32
CA PRO A 334 3.76 -8.05 -20.55
C PRO A 334 5.17 -7.49 -20.77
N PHE A 335 6.18 -8.35 -20.69
CA PHE A 335 7.58 -7.94 -20.86
C PHE A 335 8.38 -9.12 -21.41
N ASP A 336 9.61 -8.86 -21.88
CA ASP A 336 10.49 -9.90 -22.41
C ASP A 336 11.15 -10.70 -21.27
N GLN A 337 10.85 -11.99 -21.16
CA GLN A 337 11.41 -12.83 -20.11
C GLN A 337 12.87 -13.24 -20.33
N ASP A 338 13.45 -12.96 -21.52
CA ASP A 338 14.88 -13.20 -21.76
C ASP A 338 15.77 -12.46 -20.74
N ILE A 339 15.25 -11.40 -20.11
CA ILE A 339 15.91 -10.65 -19.03
C ILE A 339 16.47 -11.61 -17.91
N TYR A 340 15.78 -12.71 -17.62
CA TYR A 340 16.20 -13.63 -16.55
C TYR A 340 17.43 -14.47 -16.88
N GLY A 341 17.87 -14.48 -18.14
CA GLY A 341 19.12 -15.12 -18.53
C GLY A 341 20.32 -14.19 -18.51
N ARG A 342 20.11 -12.87 -18.25
CA ARG A 342 21.19 -11.88 -18.23
C ARG A 342 21.92 -11.85 -16.90
N GLU A 343 23.21 -11.49 -16.93
CA GLU A 343 24.08 -11.45 -15.75
C GLU A 343 23.54 -10.61 -14.58
N GLU A 344 22.95 -9.44 -14.87
CA GLU A 344 22.43 -8.52 -13.84
C GLU A 344 21.26 -9.09 -12.99
N LEU A 345 20.72 -10.28 -13.31
CA LEU A 345 19.69 -10.90 -12.49
C LEU A 345 20.14 -12.17 -11.79
N ARG A 346 21.45 -12.52 -11.83
CA ARG A 346 21.93 -13.75 -11.19
C ARG A 346 21.66 -13.84 -9.68
N SER A 347 21.74 -12.71 -8.95
CA SER A 347 21.52 -12.74 -7.50
C SER A 347 20.61 -11.58 -7.01
N PRO A 348 19.29 -11.74 -7.10
CA PRO A 348 18.40 -10.67 -6.64
C PRO A 348 18.47 -10.41 -5.13
N LYS A 349 18.19 -9.16 -4.76
CA LYS A 349 18.01 -8.73 -3.38
C LYS A 349 16.51 -8.95 -3.12
N LEU A 350 16.09 -9.12 -1.86
CA LEU A 350 14.67 -9.36 -1.58
C LEU A 350 13.97 -8.15 -0.98
N PHE A 351 12.72 -7.89 -1.40
CA PHE A 351 11.87 -6.86 -0.82
C PHE A 351 10.60 -7.63 -0.45
N TYR A 352 10.63 -8.21 0.75
CA TYR A 352 9.59 -9.06 1.27
C TYR A 352 8.69 -8.29 2.22
N ALA A 353 7.62 -7.71 1.69
CA ALA A 353 6.71 -6.86 2.47
C ALA A 353 5.71 -7.65 3.31
N ASP A 354 6.23 -8.42 4.31
CA ASP A 354 5.37 -9.17 5.23
C ASP A 354 5.14 -8.40 6.56
N HIS A 355 5.32 -7.07 6.57
CA HIS A 355 5.10 -6.28 7.77
C HIS A 355 4.77 -4.82 7.36
N PRO A 356 4.24 -3.96 8.27
CA PRO A 356 3.84 -2.61 7.85
C PRO A 356 4.86 -1.81 7.04
N PHE A 357 4.36 -1.12 6.01
CA PHE A 357 5.20 -0.31 5.13
C PHE A 357 4.50 0.99 4.70
N ILE A 358 5.28 1.98 4.29
CA ILE A 358 4.78 3.26 3.81
C ILE A 358 4.83 3.19 2.29
N PHE A 359 3.86 3.77 1.60
CA PHE A 359 3.87 3.81 0.14
C PHE A 359 3.37 5.16 -0.38
N LEU A 360 3.87 5.53 -1.56
CA LEU A 360 3.53 6.76 -2.26
C LEU A 360 3.34 6.42 -3.74
N VAL A 361 2.44 7.12 -4.41
CA VAL A 361 2.24 6.98 -5.85
C VAL A 361 2.56 8.37 -6.39
N ARG A 362 3.50 8.47 -7.32
CA ARG A 362 3.97 9.72 -7.87
C ARG A 362 3.79 9.73 -9.39
N ASP A 363 3.33 10.84 -9.94
CA ASP A 363 3.22 11.02 -11.39
C ASP A 363 4.62 11.45 -11.87
N THR A 364 5.24 10.71 -12.79
CA THR A 364 6.60 11.04 -13.26
C THR A 364 6.62 12.20 -14.27
N GLN A 365 5.49 12.56 -14.87
CA GLN A 365 5.41 13.63 -15.87
C GLN A 365 5.45 15.01 -15.23
N SER A 366 4.71 15.20 -14.13
CA SER A 366 4.67 16.47 -13.41
C SER A 366 5.37 16.41 -12.04
N GLY A 367 5.73 15.22 -11.56
CA GLY A 367 6.28 15.05 -10.22
C GLY A 367 5.24 15.17 -9.11
N SER A 368 3.94 15.24 -9.44
N SER A 368 3.94 15.23 -9.44
CA SER A 368 2.90 15.39 -8.43
CA SER A 368 2.89 15.37 -8.43
C SER A 368 2.68 14.11 -7.64
C SER A 368 2.66 14.09 -7.64
N LEU A 369 2.29 14.24 -6.37
CA LEU A 369 2.03 13.13 -5.48
C LEU A 369 0.57 12.74 -5.63
N LEU A 370 0.29 11.53 -6.11
CA LEU A 370 -1.07 11.03 -6.35
C LEU A 370 -1.65 10.42 -5.07
N PHE A 371 -0.83 9.67 -4.32
CA PHE A 371 -1.23 9.03 -3.08
C PHE A 371 -0.08 8.95 -2.10
N ILE A 372 -0.40 9.02 -0.82
CA ILE A 372 0.51 8.78 0.28
C ILE A 372 -0.28 7.90 1.28
N GLY A 373 0.37 6.86 1.80
CA GLY A 373 -0.28 5.99 2.75
C GLY A 373 0.64 5.01 3.41
N ARG A 374 0.03 4.12 4.19
CA ARG A 374 0.72 3.03 4.85
C ARG A 374 -0.22 1.83 4.94
N LEU A 375 0.35 0.63 4.81
CA LEU A 375 -0.38 -0.59 4.97
C LEU A 375 0.12 -1.21 6.27
N VAL A 376 -0.73 -1.15 7.31
CA VAL A 376 -0.45 -1.67 8.64
C VAL A 376 -1.24 -2.98 8.87
N ARG A 377 -2.52 -2.98 8.49
CA ARG A 377 -3.43 -4.11 8.69
C ARG A 377 -4.10 -4.52 7.39
N PRO A 378 -3.58 -5.48 6.61
CA PRO A 378 -4.32 -5.96 5.43
C PRO A 378 -5.54 -6.78 5.85
N LYS A 379 -6.49 -7.03 4.92
CA LYS A 379 -7.66 -7.85 5.25
C LYS A 379 -7.26 -9.32 5.50
N GLY A 380 -7.82 -9.91 6.54
CA GLY A 380 -7.52 -11.29 6.92
C GLY A 380 -7.73 -11.57 8.39
N ASP A 381 -7.71 -12.86 8.74
CA ASP A 381 -7.90 -13.31 10.13
C ASP A 381 -6.56 -13.52 10.81
N LYS A 382 -6.52 -13.31 12.14
CA LYS A 382 -5.31 -13.53 12.93
C LYS A 382 -4.90 -15.00 12.86
N MET A 383 -3.63 -15.25 12.56
CA MET A 383 -3.10 -16.60 12.45
C MET A 383 -2.87 -17.16 13.84
N ARG A 384 -3.10 -18.46 13.98
CA ARG A 384 -2.88 -19.20 15.22
C ARG A 384 -2.57 -20.64 14.84
N ASP A 385 -1.45 -21.18 15.36
CA ASP A 385 -1.05 -22.56 15.09
C ASP A 385 -1.21 -23.34 16.42
N GLU A 386 -0.24 -23.23 17.36
CA GLU A 386 -0.31 -23.91 18.65
C GLU A 386 -1.15 -23.06 19.60
N LEU A 387 -2.09 -23.70 20.31
CA LEU A 387 -2.98 -23.02 21.24
C LEU A 387 -2.62 -23.36 22.71
N GLY B 2 18.26 -6.31 4.07
CA GLY B 2 17.69 -6.47 5.40
C GLY B 2 16.58 -7.52 5.46
N VAL B 3 16.97 -8.79 5.75
CA VAL B 3 16.20 -10.06 5.86
C VAL B 3 16.80 -10.99 4.79
N SER B 4 17.49 -12.06 5.25
CA SER B 4 18.19 -13.00 4.38
C SER B 4 17.28 -13.95 3.65
N ASP B 5 17.67 -14.28 2.42
CA ASP B 5 16.94 -15.26 1.63
C ASP B 5 17.48 -16.62 2.04
N VAL B 6 16.93 -17.20 3.10
CA VAL B 6 17.43 -18.47 3.62
C VAL B 6 16.30 -19.24 4.32
N PRO B 7 16.13 -20.58 4.15
CA PRO B 7 15.14 -21.26 5.00
C PRO B 7 15.64 -21.25 6.45
N ARG B 8 14.75 -21.54 7.41
CA ARG B 8 15.13 -21.47 8.82
C ARG B 8 14.66 -22.69 9.63
N ASP B 9 15.23 -22.87 10.82
CA ASP B 9 14.87 -23.94 11.76
C ASP B 9 14.96 -25.34 11.13
N LEU B 10 16.07 -25.62 10.43
CA LEU B 10 16.27 -26.94 9.83
C LEU B 10 16.63 -27.88 10.99
N GLU B 11 15.93 -29.02 11.09
CA GLU B 11 16.15 -29.98 12.16
C GLU B 11 15.80 -31.42 11.73
N VAL B 12 16.36 -32.40 12.44
CA VAL B 12 16.02 -33.81 12.23
C VAL B 12 14.87 -34.08 13.23
N VAL B 13 13.72 -34.50 12.70
CA VAL B 13 12.50 -34.78 13.47
C VAL B 13 12.56 -36.23 14.03
N ALA B 14 12.93 -37.19 13.19
CA ALA B 14 13.06 -38.60 13.56
C ALA B 14 14.19 -39.20 12.75
N ALA B 15 14.93 -40.12 13.36
CA ALA B 15 16.05 -40.77 12.69
C ALA B 15 15.98 -42.28 12.90
N THR B 16 16.47 -43.02 11.92
CA THR B 16 16.61 -44.48 11.96
C THR B 16 18.06 -44.75 11.47
N PRO B 17 18.64 -45.96 11.67
CA PRO B 17 20.00 -46.21 11.19
C PRO B 17 20.30 -45.82 9.73
N THR B 18 19.30 -45.97 8.84
CA THR B 18 19.47 -45.70 7.41
C THR B 18 18.60 -44.54 6.89
N SER B 19 17.95 -43.76 7.77
CA SER B 19 17.00 -42.73 7.32
C SER B 19 16.89 -41.54 8.27
N LEU B 20 16.48 -40.37 7.72
CA LEU B 20 16.26 -39.15 8.51
C LEU B 20 15.01 -38.43 8.00
N LEU B 21 14.12 -38.05 8.91
CA LEU B 21 12.96 -37.24 8.58
C LEU B 21 13.37 -35.82 9.02
N ILE B 22 13.41 -34.86 8.08
CA ILE B 22 13.84 -33.49 8.36
C ILE B 22 12.69 -32.50 8.17
N SER B 23 12.81 -31.33 8.79
CA SER B 23 11.82 -30.28 8.72
C SER B 23 12.50 -28.91 8.78
N TRP B 24 11.87 -27.92 8.14
CA TRP B 24 12.39 -26.56 8.07
C TRP B 24 11.21 -25.59 7.88
N ASP B 25 11.51 -24.27 7.94
CA ASP B 25 10.53 -23.20 7.76
C ASP B 25 10.90 -22.45 6.48
N ALA B 26 9.88 -22.02 5.78
CA ALA B 26 10.03 -21.35 4.51
C ALA B 26 10.89 -20.10 4.56
N PRO B 27 11.74 -19.85 3.53
CA PRO B 27 12.42 -18.55 3.46
C PRO B 27 11.43 -17.48 2.96
N PRO B 28 11.77 -16.18 2.92
CA PRO B 28 10.88 -15.23 2.21
C PRO B 28 10.85 -15.56 0.69
N TYR B 29 9.82 -15.05 -0.04
CA TYR B 29 9.66 -15.23 -1.49
C TYR B 29 9.21 -16.64 -1.92
N TYR B 30 8.35 -16.71 -2.94
CA TYR B 30 7.80 -17.96 -3.49
C TYR B 30 8.84 -19.04 -3.71
N VAL B 31 8.56 -20.27 -3.28
CA VAL B 31 9.46 -21.40 -3.45
C VAL B 31 8.77 -22.43 -4.35
N ARG B 32 9.40 -22.84 -5.47
CA ARG B 32 8.81 -23.87 -6.33
C ARG B 32 9.27 -25.26 -5.85
N TYR B 33 10.54 -25.40 -5.46
CA TYR B 33 11.08 -26.64 -4.92
C TYR B 33 12.08 -26.32 -3.81
N TYR B 34 12.27 -27.25 -2.89
CA TYR B 34 13.34 -27.16 -1.92
C TYR B 34 14.33 -28.21 -2.40
N ARG B 35 15.61 -27.84 -2.57
CA ARG B 35 16.63 -28.78 -2.96
C ARG B 35 17.32 -29.20 -1.65
N ILE B 36 17.34 -30.51 -1.38
CA ILE B 36 17.96 -31.08 -0.19
C ILE B 36 19.21 -31.83 -0.65
N THR B 37 20.38 -31.48 -0.08
CA THR B 37 21.65 -32.15 -0.38
C THR B 37 22.13 -32.83 0.92
N TYR B 38 22.79 -33.96 0.76
CA TYR B 38 23.32 -34.71 1.90
C TYR B 38 24.54 -35.47 1.47
N GLY B 39 25.44 -35.62 2.41
CA GLY B 39 26.68 -36.36 2.21
C GLY B 39 27.41 -36.55 3.51
N GLU B 40 28.41 -37.41 3.50
CA GLU B 40 29.20 -37.69 4.69
C GLU B 40 29.98 -36.42 5.08
N THR B 41 30.04 -36.10 6.37
CA THR B 41 30.73 -34.89 6.83
C THR B 41 32.23 -35.06 6.57
N GLY B 42 32.87 -34.04 5.98
CA GLY B 42 34.29 -34.07 5.68
C GLY B 42 34.69 -34.87 4.45
N GLY B 43 34.02 -36.00 4.19
CA GLY B 43 34.31 -36.87 3.06
C GLY B 43 34.35 -36.17 1.71
N ASN B 44 35.39 -36.45 0.90
CA ASN B 44 35.54 -35.84 -0.43
C ASN B 44 34.56 -36.39 -1.49
N SER B 45 33.61 -37.28 -1.09
CA SER B 45 32.62 -37.82 -2.01
C SER B 45 31.61 -36.71 -2.35
N PRO B 46 31.22 -36.47 -3.64
CA PRO B 46 30.20 -35.43 -3.90
C PRO B 46 28.89 -35.69 -3.15
N VAL B 47 28.15 -34.62 -2.87
CA VAL B 47 26.88 -34.76 -2.16
C VAL B 47 25.79 -35.26 -3.09
N GLN B 48 24.84 -36.01 -2.55
CA GLN B 48 23.67 -36.45 -3.30
C GLN B 48 22.59 -35.40 -3.08
N GLU B 49 21.72 -35.18 -4.07
CA GLU B 49 20.67 -34.19 -3.95
C GLU B 49 19.36 -34.65 -4.55
N PHE B 50 18.28 -34.05 -4.08
CA PHE B 50 16.93 -34.29 -4.56
C PHE B 50 16.06 -33.08 -4.24
N THR B 51 14.88 -33.00 -4.85
CA THR B 51 13.95 -31.92 -4.59
C THR B 51 12.64 -32.47 -4.05
N VAL B 52 11.91 -31.58 -3.37
CA VAL B 52 10.60 -31.79 -2.80
C VAL B 52 9.78 -30.51 -3.24
N PRO B 53 8.47 -30.59 -3.57
CA PRO B 53 7.74 -29.35 -3.91
C PRO B 53 7.79 -28.29 -2.81
N GLY B 54 7.69 -27.02 -3.22
CA GLY B 54 7.73 -25.87 -2.33
C GLY B 54 6.56 -25.78 -1.37
N SER B 55 5.47 -26.51 -1.64
CA SER B 55 4.33 -26.58 -0.73
C SER B 55 4.65 -27.45 0.51
N LYS B 56 5.77 -28.22 0.50
CA LYS B 56 6.18 -29.07 1.63
C LYS B 56 7.25 -28.39 2.50
N SER B 57 7.29 -28.76 3.78
CA SER B 57 8.30 -28.30 4.73
C SER B 57 9.00 -29.49 5.43
N THR B 58 8.88 -30.72 4.88
CA THR B 58 9.51 -31.93 5.41
C THR B 58 10.01 -32.78 4.24
N ALA B 59 10.99 -33.63 4.52
CA ALA B 59 11.53 -34.58 3.56
C ALA B 59 12.14 -35.78 4.30
N THR B 60 12.23 -36.92 3.62
CA THR B 60 12.87 -38.10 4.16
C THR B 60 14.13 -38.36 3.34
N ILE B 61 15.26 -38.58 4.01
CA ILE B 61 16.53 -38.91 3.37
C ILE B 61 16.71 -40.42 3.64
N SER B 62 16.66 -41.25 2.59
CA SER B 62 16.76 -42.71 2.66
C SER B 62 18.15 -43.23 2.21
N GLY B 63 18.39 -44.53 2.41
CA GLY B 63 19.60 -45.20 1.99
C GLY B 63 20.89 -44.73 2.62
N LEU B 64 20.85 -44.38 3.92
CA LEU B 64 22.02 -43.92 4.69
C LEU B 64 22.70 -45.10 5.42
N LYS B 65 23.90 -44.88 5.95
CA LYS B 65 24.67 -45.91 6.67
C LYS B 65 24.56 -45.69 8.20
N PRO B 66 24.41 -46.73 9.06
CA PRO B 66 24.35 -46.49 10.52
C PRO B 66 25.61 -45.89 11.14
N GLY B 67 25.44 -45.06 12.17
CA GLY B 67 26.55 -44.45 12.90
C GLY B 67 27.47 -43.56 12.09
N VAL B 68 26.95 -42.89 11.05
CA VAL B 68 27.74 -42.03 10.19
C VAL B 68 27.28 -40.58 10.32
N ASP B 69 28.25 -39.63 10.37
CA ASP B 69 27.99 -38.20 10.44
C ASP B 69 27.63 -37.71 9.04
N TYR B 70 26.51 -36.99 8.91
CA TYR B 70 26.06 -36.42 7.64
C TYR B 70 25.85 -34.94 7.75
N THR B 71 26.14 -34.21 6.67
CA THR B 71 25.85 -32.79 6.56
C THR B 71 24.62 -32.72 5.66
N ILE B 72 23.54 -32.13 6.17
CA ILE B 72 22.28 -31.99 5.42
C ILE B 72 22.11 -30.51 5.14
N THR B 73 21.83 -30.16 3.89
CA THR B 73 21.68 -28.76 3.47
C THR B 73 20.37 -28.58 2.73
N VAL B 74 19.65 -27.48 2.98
CA VAL B 74 18.40 -27.18 2.30
C VAL B 74 18.52 -25.80 1.63
N TYR B 75 18.18 -25.73 0.33
CA TYR B 75 18.10 -24.49 -0.47
C TYR B 75 16.67 -24.39 -0.95
N ALA B 76 16.20 -23.19 -1.28
CA ALA B 76 14.91 -22.98 -1.89
C ALA B 76 15.16 -22.52 -3.32
N GLU B 77 14.39 -23.05 -4.27
CA GLU B 77 14.50 -22.68 -5.69
C GLU B 77 13.38 -21.71 -5.95
N HIS B 78 13.72 -20.43 -6.12
CA HIS B 78 12.80 -19.32 -6.30
C HIS B 78 12.59 -18.99 -7.78
N PRO B 79 11.36 -19.05 -8.36
CA PRO B 79 11.21 -18.66 -9.76
C PRO B 79 11.28 -17.14 -9.89
N TYR B 80 11.87 -16.67 -10.97
CA TYR B 80 11.94 -15.24 -11.23
C TYR B 80 10.57 -14.66 -11.55
N TYR B 81 9.72 -15.41 -12.28
CA TYR B 81 8.43 -14.88 -12.74
C TYR B 81 7.36 -15.98 -12.91
N ASP B 82 7.55 -16.91 -13.86
CA ASP B 82 6.59 -17.97 -14.15
C ASP B 82 6.92 -19.14 -13.23
N PRO B 83 5.99 -19.61 -12.36
CA PRO B 83 6.36 -20.71 -11.45
C PRO B 83 6.64 -22.03 -12.12
N SER B 84 6.22 -22.24 -13.38
CA SER B 84 6.50 -23.47 -14.11
C SER B 84 7.62 -23.29 -15.15
N SER B 85 8.53 -22.33 -14.93
CA SER B 85 9.64 -22.06 -15.83
C SER B 85 10.96 -22.55 -15.23
N SER B 86 11.92 -22.85 -16.08
CA SER B 86 13.25 -23.27 -15.68
C SER B 86 14.09 -22.08 -15.16
N TYR B 87 13.68 -20.81 -15.39
CA TYR B 87 14.42 -19.66 -14.86
C TYR B 87 14.16 -19.54 -13.35
N TYR B 88 15.18 -19.83 -12.53
CA TYR B 88 15.06 -19.68 -11.08
C TYR B 88 16.41 -19.32 -10.46
N PHE B 89 16.37 -18.80 -9.24
CA PHE B 89 17.59 -18.52 -8.48
C PHE B 89 17.47 -19.27 -7.17
N SER B 90 18.60 -19.69 -6.60
CA SER B 90 18.59 -20.40 -5.33
C SER B 90 18.78 -19.46 -4.17
N SER B 91 18.19 -19.80 -3.04
CA SER B 91 18.38 -19.05 -1.80
C SER B 91 19.77 -19.42 -1.21
N LYS B 92 20.16 -18.76 -0.11
CA LYS B 92 21.38 -19.14 0.61
C LYS B 92 21.09 -20.52 1.28
N PRO B 93 22.07 -21.39 1.49
CA PRO B 93 21.79 -22.68 2.16
C PRO B 93 21.66 -22.57 3.67
N ILE B 94 20.92 -23.50 4.27
CA ILE B 94 20.83 -23.72 5.71
C ILE B 94 21.28 -25.17 5.89
N SER B 95 22.22 -25.43 6.83
CA SER B 95 22.71 -26.78 7.02
C SER B 95 22.88 -27.16 8.47
N ILE B 96 22.81 -28.48 8.72
CA ILE B 96 22.99 -29.13 10.02
C ILE B 96 23.88 -30.37 9.81
N ASN B 97 24.51 -30.82 10.89
CA ASN B 97 25.30 -32.04 10.93
C ASN B 97 24.55 -32.97 11.87
N TYR B 98 24.42 -34.25 11.48
CA TYR B 98 23.69 -35.22 12.28
C TYR B 98 24.24 -36.62 12.04
N ARG B 99 24.45 -37.39 13.13
CA ARG B 99 24.92 -38.77 13.08
C ARG B 99 23.73 -39.73 13.12
N THR B 100 23.63 -40.65 12.15
CA THR B 100 22.54 -41.61 12.15
C THR B 100 22.73 -42.61 13.31
N PRO B 101 21.67 -43.15 13.94
CA PRO B 101 21.90 -44.11 15.04
C PRO B 101 22.48 -45.44 14.54
N HIS B 102 23.21 -46.15 15.40
CA HIS B 102 23.81 -47.43 15.03
C HIS B 102 22.74 -48.51 14.94
N HIS B 103 21.76 -48.48 15.86
CA HIS B 103 20.69 -49.48 15.92
C HIS B 103 19.31 -48.82 15.91
N HIS B 104 18.30 -49.62 15.54
CA HIS B 104 16.92 -49.15 15.59
C HIS B 104 16.46 -49.23 17.07
N HIS B 105 15.45 -48.44 17.44
CA HIS B 105 14.97 -48.40 18.81
C HIS B 105 14.51 -49.77 19.32
N HIS B 106 13.85 -50.58 18.46
CA HIS B 106 13.39 -51.92 18.81
C HIS B 106 14.25 -53.00 18.17
N HIS B 107 14.51 -54.10 18.89
CA HIS B 107 15.30 -55.22 18.37
C HIS B 107 14.44 -56.03 17.40
#